data_1SGV
#
_entry.id   1SGV
#
_cell.length_a   45.948
_cell.length_b   94.100
_cell.length_c   78.508
_cell.angle_alpha   90.00
_cell.angle_beta   100.36
_cell.angle_gamma   90.00
#
_symmetry.space_group_name_H-M   'P 1 21 1'
#
loop_
_entity.id
_entity.type
_entity.pdbx_description
1 polymer 'tRNA pseudouridine synthase B'
2 water water
#
_entity_poly.entity_id   1
_entity_poly.type   'polypeptide(L)'
_entity_poly.pdbx_seq_one_letter_code
;MSATGPGIVVIDKPAGMTSHDVVGRCRRIFATRRVGHAGTLDPMATGVLVIGIERATKILGLLTAAPKSYAATIRLGQTT
STEDAEGQVLQSVPAKHLTIEAIDAAMERLRGEIRQVPSSVSAIKVGGRRAYRLARQGRSVQLEARPIRIDRFELLAARR
RDQLIDIDVEIDCSSGTYIRALARDLGDALGVGGHVTALRRTRVGRFELDQARSLDDLAERPALSLSLDEACLLMFARRD
LTAAEASAAANGRSLPAVGIDGVYAACDADGRVIALLRDEGSRTRSVAVLRPATMHPGGVPRGKLAAALEHHHHHH
;
_entity_poly.pdbx_strand_id   A,B
#
# COMPACT_ATOMS: atom_id res chain seq x y z
N ALA A 3 -36.83 -19.57 18.72
CA ALA A 3 -38.11 -19.69 17.95
C ALA A 3 -37.83 -19.89 16.45
N THR A 4 -36.66 -19.44 16.00
CA THR A 4 -36.24 -19.56 14.60
C THR A 4 -35.78 -20.97 14.28
N GLY A 5 -35.36 -21.72 15.30
CA GLY A 5 -34.68 -22.98 15.11
C GLY A 5 -33.20 -22.74 14.83
N PRO A 6 -32.43 -23.81 14.60
CA PRO A 6 -31.00 -23.68 14.36
C PRO A 6 -30.67 -23.09 12.98
N GLY A 7 -29.57 -22.35 12.92
CA GLY A 7 -29.11 -21.81 11.66
C GLY A 7 -27.98 -20.82 11.79
N ILE A 8 -27.69 -20.14 10.69
CA ILE A 8 -26.61 -19.17 10.67
C ILE A 8 -27.12 -17.78 10.35
N VAL A 9 -26.44 -16.77 10.86
CA VAL A 9 -26.79 -15.40 10.56
C VAL A 9 -25.52 -14.64 10.17
N VAL A 10 -25.59 -13.97 9.02
CA VAL A 10 -24.47 -13.17 8.54
C VAL A 10 -24.65 -11.73 9.05
N ILE A 11 -23.71 -11.30 9.88
CA ILE A 11 -23.79 -9.97 10.47
C ILE A 11 -22.75 -9.01 9.89
N ASP A 12 -23.15 -7.77 9.65
CA ASP A 12 -22.23 -6.68 9.35
C ASP A 12 -21.83 -6.04 10.67
N LYS A 13 -20.67 -6.43 11.21
CA LYS A 13 -20.21 -5.95 12.51
C LYS A 13 -19.92 -4.45 12.49
N PRO A 14 -20.44 -3.70 13.46
CA PRO A 14 -20.09 -2.29 13.61
C PRO A 14 -18.65 -2.11 14.13
N ALA A 15 -18.05 -0.97 13.82
CA ALA A 15 -16.67 -0.67 14.25
C ALA A 15 -16.56 -0.55 15.76
N GLY A 16 -15.46 -1.05 16.31
CA GLY A 16 -15.18 -0.96 17.73
C GLY A 16 -15.69 -2.13 18.56
N MET A 17 -16.68 -2.84 18.03
CA MET A 17 -17.31 -3.93 18.76
C MET A 17 -16.53 -5.22 18.62
N THR A 18 -16.40 -5.96 19.71
CA THR A 18 -15.72 -7.25 19.66
C THR A 18 -16.65 -8.30 19.08
N SER A 19 -16.07 -9.37 18.53
CA SER A 19 -16.86 -10.48 18.01
C SER A 19 -17.60 -11.19 19.15
N HIS A 20 -16.99 -11.19 20.34
CA HIS A 20 -17.60 -11.73 21.56
C HIS A 20 -18.91 -11.01 21.91
N ASP A 21 -18.91 -9.69 21.78
CA ASP A 21 -20.08 -8.88 22.15
C ASP A 21 -21.22 -8.98 21.13
N VAL A 22 -20.87 -9.26 19.86
CA VAL A 22 -21.86 -9.56 18.84
C VAL A 22 -22.60 -10.85 19.22
N VAL A 23 -21.83 -11.85 19.62
CA VAL A 23 -22.38 -13.11 20.11
C VAL A 23 -23.32 -12.81 21.28
N GLY A 24 -22.85 -11.96 22.19
CA GLY A 24 -23.65 -11.48 23.32
C GLY A 24 -24.99 -10.88 22.92
N ARG A 25 -24.98 -9.99 21.94
CA ARG A 25 -26.21 -9.36 21.45
C ARG A 25 -27.16 -10.37 20.79
N CYS A 26 -26.59 -11.34 20.07
CA CYS A 26 -27.36 -12.38 19.41
C CYS A 26 -28.02 -13.33 20.40
N ARG A 27 -27.37 -13.58 21.52
CA ARG A 27 -27.95 -14.36 22.62
C ARG A 27 -29.27 -13.75 23.09
N ARG A 28 -29.29 -12.42 23.19
CA ARG A 28 -30.49 -11.69 23.59
C ARG A 28 -31.54 -11.66 22.48
N ILE A 29 -31.10 -11.38 21.25
CA ILE A 29 -32.00 -11.28 20.10
C ILE A 29 -32.73 -12.59 19.81
N PHE A 30 -31.99 -13.70 19.84
CA PHE A 30 -32.55 -15.01 19.51
C PHE A 30 -33.00 -15.80 20.73
N ALA A 31 -33.01 -15.14 21.90
CA ALA A 31 -33.47 -15.70 23.17
C ALA A 31 -32.92 -17.11 23.46
N THR A 32 -31.61 -17.26 23.33
CA THR A 32 -30.93 -18.53 23.58
C THR A 32 -29.46 -18.31 23.95
N ARG A 33 -28.89 -19.25 24.70
CA ARG A 33 -27.49 -19.16 25.12
C ARG A 33 -26.55 -19.85 24.13
N ARG A 34 -27.09 -20.74 23.31
CA ARG A 34 -26.30 -21.49 22.34
C ARG A 34 -26.04 -20.66 21.09
N VAL A 35 -25.03 -19.80 21.18
CA VAL A 35 -24.62 -18.92 20.08
C VAL A 35 -23.09 -18.92 20.00
N GLY A 36 -22.57 -18.90 18.78
CA GLY A 36 -21.13 -18.79 18.57
C GLY A 36 -20.80 -18.13 17.25
N HIS A 37 -19.53 -17.78 17.05
CA HIS A 37 -19.07 -17.24 15.78
C HIS A 37 -18.01 -18.12 15.12
N ALA A 38 -17.89 -17.98 13.80
CA ALA A 38 -17.04 -18.81 12.96
C ALA A 38 -15.62 -18.27 12.77
N GLY A 39 -15.21 -17.36 13.63
CA GLY A 39 -13.87 -16.81 13.54
C GLY A 39 -13.87 -15.31 13.72
N THR A 40 -12.99 -14.84 14.59
CA THR A 40 -12.99 -13.45 15.02
C THR A 40 -12.78 -12.44 13.88
N LEU A 41 -13.39 -11.28 14.04
CA LEU A 41 -13.12 -10.14 13.19
C LEU A 41 -12.62 -9.05 14.13
N ASP A 42 -11.53 -8.41 13.73
CA ASP A 42 -10.86 -7.44 14.60
C ASP A 42 -11.81 -6.35 15.06
N PRO A 43 -11.75 -6.00 16.36
CA PRO A 43 -12.61 -4.95 16.93
C PRO A 43 -12.68 -3.65 16.11
N MET A 44 -11.57 -3.17 15.57
CA MET A 44 -11.60 -1.93 14.79
C MET A 44 -12.19 -2.10 13.38
N ALA A 45 -12.29 -3.35 12.93
CA ALA A 45 -12.84 -3.64 11.61
C ALA A 45 -14.37 -3.69 11.61
N THR A 46 -14.95 -3.56 10.41
CA THR A 46 -16.37 -3.83 10.23
C THR A 46 -16.52 -5.01 9.27
N GLY A 47 -17.76 -5.46 9.08
CA GLY A 47 -18.05 -6.37 8.00
C GLY A 47 -18.39 -7.77 8.44
N VAL A 48 -18.17 -8.71 7.53
CA VAL A 48 -18.70 -10.07 7.65
C VAL A 48 -18.22 -10.84 8.89
N LEU A 49 -19.19 -11.18 9.74
CA LEU A 49 -18.98 -12.07 10.87
C LEU A 49 -20.12 -13.09 10.87
N VAL A 50 -19.76 -14.37 10.80
CA VAL A 50 -20.75 -15.44 10.69
C VAL A 50 -21.08 -16.02 12.06
N ILE A 51 -22.37 -15.97 12.40
CA ILE A 51 -22.85 -16.43 13.70
C ILE A 51 -23.68 -17.70 13.55
N GLY A 52 -23.47 -18.66 14.43
CA GLY A 52 -24.27 -19.87 14.48
C GLY A 52 -25.20 -19.88 15.68
N ILE A 53 -26.44 -20.32 15.46
CA ILE A 53 -27.49 -20.36 16.47
C ILE A 53 -27.90 -21.80 16.74
N GLU A 54 -28.02 -22.16 18.01
CA GLU A 54 -28.37 -23.53 18.44
C GLU A 54 -27.38 -24.54 17.90
N ARG A 55 -27.88 -25.67 17.40
CA ARG A 55 -27.02 -26.76 16.92
C ARG A 55 -26.18 -26.40 15.69
N ALA A 56 -26.40 -25.22 15.12
CA ALA A 56 -25.53 -24.72 14.06
C ALA A 56 -24.14 -24.34 14.59
N THR A 57 -24.01 -24.19 15.91
CA THR A 57 -22.68 -24.00 16.51
C THR A 57 -21.73 -25.16 16.16
N LYS A 58 -22.30 -26.33 15.85
CA LYS A 58 -21.55 -27.53 15.49
C LYS A 58 -20.94 -27.50 14.08
N ILE A 59 -21.27 -26.49 13.27
CA ILE A 59 -20.68 -26.38 11.94
C ILE A 59 -19.72 -25.19 11.84
N LEU A 60 -19.60 -24.43 12.93
CA LEU A 60 -18.75 -23.24 12.96
C LEU A 60 -17.29 -23.54 12.62
N GLY A 61 -16.77 -24.68 13.08
CA GLY A 61 -15.42 -25.11 12.78
C GLY A 61 -15.16 -25.37 11.30
N LEU A 62 -16.23 -25.70 10.56
CA LEU A 62 -16.11 -25.97 9.13
C LEU A 62 -16.15 -24.69 8.29
N LEU A 63 -16.42 -23.57 8.95
CA LEU A 63 -16.52 -22.26 8.30
C LEU A 63 -15.29 -21.39 8.55
N THR A 64 -14.51 -21.75 9.57
CA THR A 64 -13.43 -20.89 10.06
C THR A 64 -12.19 -20.76 9.15
N ALA A 65 -11.89 -21.81 8.37
CA ALA A 65 -10.72 -21.77 7.49
C ALA A 65 -11.02 -21.22 6.09
N ALA A 66 -12.25 -20.74 5.90
CA ALA A 66 -12.69 -20.22 4.61
C ALA A 66 -11.87 -18.99 4.17
N PRO A 67 -11.68 -18.82 2.85
CA PRO A 67 -10.93 -17.66 2.35
C PRO A 67 -11.66 -16.38 2.70
N LYS A 68 -10.89 -15.33 2.96
CA LYS A 68 -11.46 -14.06 3.37
C LYS A 68 -11.01 -12.98 2.41
N SER A 69 -11.84 -11.96 2.27
CA SER A 69 -11.48 -10.77 1.50
C SER A 69 -11.75 -9.53 2.36
N TYR A 70 -10.85 -8.56 2.27
CA TYR A 70 -10.97 -7.31 3.02
C TYR A 70 -10.77 -6.12 2.11
N ALA A 71 -11.48 -5.04 2.39
CA ALA A 71 -11.16 -3.73 1.84
C ALA A 71 -10.49 -2.94 2.96
N ALA A 72 -9.36 -2.32 2.65
CA ALA A 72 -8.64 -1.59 3.68
C ALA A 72 -8.15 -0.26 3.15
N THR A 73 -7.97 0.68 4.07
CA THR A 73 -7.22 1.90 3.78
C THR A 73 -5.94 1.92 4.61
N ILE A 74 -4.84 2.21 3.93
CA ILE A 74 -3.53 2.31 4.57
C ILE A 74 -2.99 3.73 4.41
N ARG A 75 -2.53 4.30 5.52
CA ARG A 75 -1.91 5.61 5.53
C ARG A 75 -0.40 5.47 5.47
N LEU A 76 0.19 5.95 4.38
CA LEU A 76 1.63 5.87 4.18
C LEU A 76 2.31 7.17 4.60
N GLY A 77 3.38 7.05 5.37
CA GLY A 77 4.08 8.19 5.90
C GLY A 77 4.09 8.24 7.42
N GLN A 78 3.26 7.41 8.06
CA GLN A 78 3.14 7.41 9.51
C GLN A 78 3.06 5.99 10.07
N THR A 79 3.78 5.75 11.16
CA THR A 79 3.55 4.57 11.98
C THR A 79 2.83 4.98 13.25
N THR A 80 2.02 4.08 13.81
CA THR A 80 1.36 4.31 15.09
C THR A 80 1.68 3.20 16.08
N SER A 81 1.41 3.47 17.36
CA SER A 81 1.63 2.52 18.45
C SER A 81 0.84 1.21 18.33
N THR A 82 -0.29 1.28 17.65
CA THR A 82 -1.18 0.12 17.49
C THR A 82 -1.13 -0.44 16.07
N GLU A 83 -0.40 0.25 15.19
CA GLU A 83 -0.38 -0.05 13.75
C GLU A 83 -1.74 0.21 13.08
N ASP A 84 -2.60 0.95 13.80
CA ASP A 84 -3.87 1.42 13.24
C ASP A 84 -4.19 2.85 13.69
N ALA A 85 -5.31 3.39 13.24
CA ALA A 85 -5.67 4.79 13.49
C ALA A 85 -6.08 5.07 14.94
N GLU A 86 -6.16 4.02 15.76
CA GLU A 86 -6.51 4.16 17.17
C GLU A 86 -5.32 4.53 18.05
N GLY A 87 -4.11 4.34 17.52
CA GLY A 87 -2.89 4.62 18.27
C GLY A 87 -2.28 5.97 17.95
N GLN A 88 -1.30 6.37 18.77
CA GLN A 88 -0.60 7.62 18.56
C GLN A 88 0.45 7.46 17.49
N VAL A 89 0.61 8.48 16.65
CA VAL A 89 1.65 8.50 15.62
C VAL A 89 3.03 8.47 16.28
N LEU A 90 3.87 7.53 15.84
CA LEU A 90 5.22 7.37 16.41
C LEU A 90 6.31 7.93 15.50
N GLN A 91 6.26 7.57 14.22
CA GLN A 91 7.23 8.02 13.23
C GLN A 91 6.48 8.68 12.08
N SER A 92 6.98 9.81 11.59
CA SER A 92 6.29 10.58 10.56
C SER A 92 7.27 11.20 9.56
N VAL A 93 7.20 10.74 8.31
CA VAL A 93 8.09 11.21 7.24
C VAL A 93 7.24 11.37 5.97
N PRO A 94 7.53 12.36 5.12
CA PRO A 94 6.74 12.53 3.89
C PRO A 94 6.79 11.30 2.99
N ALA A 95 5.64 10.97 2.39
CA ALA A 95 5.53 9.88 1.43
C ALA A 95 5.35 10.42 0.01
N LYS A 96 5.40 11.74 -0.13
CA LYS A 96 5.03 12.43 -1.36
C LYS A 96 5.81 12.02 -2.62
N HIS A 97 7.01 11.49 -2.42
CA HIS A 97 7.86 11.05 -3.53
C HIS A 97 7.41 9.73 -4.15
N LEU A 98 6.58 8.97 -3.43
CA LEU A 98 6.15 7.67 -3.88
C LEU A 98 5.21 7.75 -5.10
N THR A 99 5.38 6.80 -6.00
CA THR A 99 4.56 6.71 -7.20
C THR A 99 3.64 5.50 -7.09
N ILE A 100 2.60 5.48 -7.94
CA ILE A 100 1.75 4.30 -8.04
C ILE A 100 2.59 3.06 -8.36
N GLU A 101 3.53 3.21 -9.29
CA GLU A 101 4.41 2.11 -9.69
C GLU A 101 5.15 1.50 -8.50
N ALA A 102 5.75 2.37 -7.68
CA ALA A 102 6.49 1.95 -6.49
C ALA A 102 5.60 1.25 -5.46
N ILE A 103 4.44 1.85 -5.18
CA ILE A 103 3.48 1.29 -4.22
C ILE A 103 2.97 -0.07 -4.69
N ASP A 104 2.51 -0.11 -5.94
CA ASP A 104 1.96 -1.33 -6.52
C ASP A 104 2.98 -2.48 -6.50
N ALA A 105 4.23 -2.16 -6.87
CA ALA A 105 5.32 -3.13 -6.89
C ALA A 105 5.65 -3.69 -5.50
N ALA A 106 5.65 -2.82 -4.49
CA ALA A 106 5.91 -3.24 -3.12
C ALA A 106 4.77 -4.12 -2.61
N MET A 107 3.55 -3.79 -3.01
CA MET A 107 2.38 -4.59 -2.68
C MET A 107 2.47 -6.00 -3.29
N GLU A 108 2.80 -6.05 -4.58
CA GLU A 108 2.97 -7.33 -5.29
C GLU A 108 4.01 -8.22 -4.59
N ARG A 109 5.10 -7.61 -4.15
CA ARG A 109 6.18 -8.31 -3.46
C ARG A 109 5.77 -8.93 -2.13
N LEU A 110 4.74 -8.35 -1.49
CA LEU A 110 4.25 -8.83 -0.21
C LEU A 110 3.19 -9.93 -0.30
N ARG A 111 2.83 -10.31 -1.53
CA ARG A 111 2.03 -11.50 -1.75
C ARG A 111 2.87 -12.74 -1.48
N GLY A 112 2.24 -13.77 -0.91
CA GLY A 112 2.93 -15.01 -0.61
C GLY A 112 2.64 -15.50 0.80
N GLU A 113 3.41 -16.50 1.23
CA GLU A 113 3.18 -17.12 2.54
C GLU A 113 4.11 -16.60 3.65
N ILE A 114 3.51 -16.09 4.71
CA ILE A 114 4.24 -15.58 5.85
C ILE A 114 4.35 -16.61 6.96
N LEU A 143 2.97 -21.81 21.46
CA LEU A 143 2.26 -21.71 20.20
C LEU A 143 3.05 -22.26 19.04
N GLU A 144 2.33 -22.68 17.99
CA GLU A 144 2.97 -23.14 16.76
C GLU A 144 2.84 -22.08 15.68
N ALA A 145 3.91 -21.86 14.93
CA ALA A 145 3.91 -20.90 13.84
C ALA A 145 3.00 -21.38 12.70
N ARG A 146 2.04 -20.53 12.34
CA ARG A 146 1.07 -20.86 11.30
C ARG A 146 1.36 -20.13 9.97
N PRO A 147 1.22 -20.83 8.85
CA PRO A 147 1.41 -20.21 7.54
C PRO A 147 0.21 -19.35 7.17
N ILE A 148 0.44 -18.06 7.00
CA ILE A 148 -0.60 -17.13 6.56
C ILE A 148 -0.32 -16.72 5.12
N ARG A 149 -1.30 -16.92 4.25
CA ARG A 149 -1.16 -16.57 2.84
C ARG A 149 -1.80 -15.21 2.55
N ILE A 150 -1.01 -14.29 2.02
CA ILE A 150 -1.54 -13.09 1.38
C ILE A 150 -1.61 -13.42 -0.11
N ASP A 151 -2.82 -13.72 -0.58
CA ASP A 151 -3.00 -14.22 -1.93
C ASP A 151 -3.15 -13.08 -2.93
N ARG A 152 -3.73 -11.98 -2.48
CA ARG A 152 -4.00 -10.82 -3.32
C ARG A 152 -3.82 -9.56 -2.48
N PHE A 153 -3.16 -8.56 -3.06
CA PHE A 153 -2.90 -7.29 -2.42
C PHE A 153 -2.97 -6.25 -3.53
N GLU A 154 -4.18 -5.79 -3.81
CA GLU A 154 -4.47 -4.98 -4.98
C GLU A 154 -4.75 -3.52 -4.62
N LEU A 155 -4.19 -2.61 -5.40
CA LEU A 155 -4.35 -1.18 -5.20
C LEU A 155 -5.58 -0.66 -5.95
N LEU A 156 -6.48 -0.01 -5.23
CA LEU A 156 -7.72 0.52 -5.83
C LEU A 156 -7.64 2.01 -6.11
N ALA A 157 -7.05 2.74 -5.18
CA ALA A 157 -7.03 4.20 -5.22
C ALA A 157 -5.92 4.75 -4.34
N ALA A 158 -5.46 5.95 -4.66
CA ALA A 158 -4.46 6.64 -3.86
C ALA A 158 -4.79 8.12 -3.82
N ARG A 159 -4.73 8.70 -2.61
CA ARG A 159 -4.99 10.13 -2.43
C ARG A 159 -3.84 10.76 -1.67
N ARG A 160 -3.47 11.97 -2.09
CA ARG A 160 -2.52 12.78 -1.34
C ARG A 160 -3.23 13.41 -0.15
N ARG A 161 -2.59 13.39 1.01
CA ARG A 161 -3.04 14.16 2.16
C ARG A 161 -1.83 14.91 2.68
N ASP A 162 -1.58 16.07 2.09
CA ASP A 162 -0.38 16.88 2.36
C ASP A 162 0.89 16.04 2.11
N GLN A 163 1.60 15.70 3.18
CA GLN A 163 2.86 14.96 3.06
C GLN A 163 2.65 13.45 2.96
N LEU A 164 1.43 12.99 3.23
CA LEU A 164 1.09 11.57 3.28
C LEU A 164 0.36 11.09 2.03
N ILE A 165 0.30 9.76 1.90
CA ILE A 165 -0.52 9.13 0.87
C ILE A 165 -1.43 8.09 1.51
N ASP A 166 -2.74 8.22 1.28
CA ASP A 166 -3.71 7.20 1.70
C ASP A 166 -4.01 6.31 0.50
N ILE A 167 -3.92 4.99 0.71
CA ILE A 167 -4.28 4.05 -0.35
C ILE A 167 -5.44 3.16 0.07
N ASP A 168 -6.37 2.95 -0.86
CA ASP A 168 -7.44 1.97 -0.71
C ASP A 168 -7.00 0.69 -1.40
N VAL A 169 -7.11 -0.43 -0.68
CA VAL A 169 -6.60 -1.71 -1.15
C VAL A 169 -7.64 -2.81 -0.95
N GLU A 170 -7.39 -3.95 -1.57
CA GLU A 170 -8.20 -5.14 -1.40
C GLU A 170 -7.25 -6.25 -1.08
N ILE A 171 -7.55 -7.03 -0.06
CA ILE A 171 -6.70 -8.12 0.36
C ILE A 171 -7.46 -9.42 0.44
N ASP A 172 -6.91 -10.44 -0.20
CA ASP A 172 -7.46 -11.79 -0.15
C ASP A 172 -6.43 -12.56 0.66
N CYS A 173 -6.90 -13.25 1.69
CA CYS A 173 -5.99 -13.95 2.59
C CYS A 173 -6.70 -15.11 3.24
N SER A 174 -5.89 -16.04 3.77
CA SER A 174 -6.41 -17.17 4.53
C SER A 174 -6.93 -16.71 5.89
N SER A 175 -6.30 -15.66 6.41
CA SER A 175 -6.67 -15.04 7.68
C SER A 175 -6.26 -13.56 7.69
N GLY A 176 -7.11 -12.72 8.26
CA GLY A 176 -6.86 -11.29 8.33
C GLY A 176 -6.17 -10.82 9.60
N THR A 177 -5.81 -11.78 10.45
CA THR A 177 -5.19 -11.51 11.75
C THR A 177 -3.94 -10.61 11.69
N TYR A 178 -3.18 -10.69 10.60
CA TYR A 178 -1.95 -9.93 10.52
C TYR A 178 -1.97 -8.86 9.42
N ILE A 179 -3.16 -8.32 9.16
CA ILE A 179 -3.31 -7.26 8.16
C ILE A 179 -2.60 -5.97 8.60
N ARG A 180 -2.63 -5.67 9.90
CA ARG A 180 -1.85 -4.58 10.46
C ARG A 180 -0.36 -4.75 10.18
N ALA A 181 0.15 -5.97 10.36
CA ALA A 181 1.56 -6.27 10.08
C ALA A 181 1.86 -6.11 8.60
N LEU A 182 0.92 -6.52 7.74
CA LEU A 182 1.04 -6.30 6.30
C LEU A 182 1.18 -4.83 5.95
N ALA A 183 0.31 -3.99 6.52
CA ALA A 183 0.38 -2.53 6.29
C ALA A 183 1.71 -1.96 6.78
N ARG A 184 2.13 -2.40 7.97
CA ARG A 184 3.44 -2.03 8.51
C ARG A 184 4.58 -2.46 7.59
N ASP A 185 4.53 -3.70 7.11
CA ASP A 185 5.54 -4.25 6.19
C ASP A 185 5.60 -3.48 4.87
N LEU A 186 4.43 -3.06 4.36
CA LEU A 186 4.37 -2.22 3.16
C LEU A 186 5.03 -0.87 3.40
N GLY A 187 4.68 -0.24 4.51
CA GLY A 187 5.27 1.04 4.88
C GLY A 187 6.77 0.93 5.02
N ASP A 188 7.21 -0.17 5.62
CA ASP A 188 8.63 -0.48 5.80
C ASP A 188 9.35 -0.67 4.48
N ALA A 189 8.72 -1.43 3.58
CA ALA A 189 9.28 -1.70 2.24
C ALA A 189 9.48 -0.43 1.44
N LEU A 190 8.57 0.52 1.61
CA LEU A 190 8.60 1.78 0.87
C LEU A 190 9.43 2.86 1.60
N GLY A 191 9.86 2.54 2.82
CA GLY A 191 10.69 3.45 3.60
C GLY A 191 9.96 4.67 4.16
N VAL A 192 8.65 4.58 4.29
CA VAL A 192 7.85 5.70 4.77
C VAL A 192 7.00 5.38 5.99
N GLY A 193 6.88 4.09 6.30
CA GLY A 193 6.00 3.66 7.37
C GLY A 193 4.54 3.63 6.93
N GLY A 194 3.75 2.80 7.61
CA GLY A 194 2.35 2.69 7.27
C GLY A 194 1.52 2.20 8.43
N HIS A 195 0.23 2.51 8.41
CA HIS A 195 -0.72 1.92 9.36
C HIS A 195 -2.10 1.85 8.73
N VAL A 196 -2.94 0.98 9.28
CA VAL A 196 -4.31 0.81 8.78
C VAL A 196 -5.25 1.87 9.37
N THR A 197 -6.02 2.54 8.52
CA THR A 197 -7.01 3.50 9.01
C THR A 197 -8.46 3.04 8.85
N ALA A 198 -8.66 1.97 8.08
CA ALA A 198 -9.99 1.40 7.85
C ALA A 198 -9.84 -0.06 7.44
N LEU A 199 -10.69 -0.91 8.01
CA LEU A 199 -10.68 -2.33 7.68
C LEU A 199 -12.10 -2.88 7.65
N ARG A 200 -12.47 -3.51 6.55
CA ARG A 200 -13.83 -3.99 6.32
C ARG A 200 -13.75 -5.36 5.66
N ARG A 201 -14.23 -6.38 6.35
CA ARG A 201 -14.28 -7.70 5.75
C ARG A 201 -15.47 -7.84 4.81
N THR A 202 -15.18 -8.11 3.54
CA THR A 202 -16.22 -8.17 2.51
C THR A 202 -16.67 -9.59 2.21
N ARG A 203 -15.89 -10.58 2.67
CA ARG A 203 -16.18 -11.97 2.39
C ARG A 203 -15.60 -12.92 3.43
N VAL A 204 -16.43 -13.89 3.83
CA VAL A 204 -15.96 -15.09 4.50
C VAL A 204 -16.57 -16.28 3.76
N GLY A 205 -15.71 -16.98 3.02
CA GLY A 205 -16.15 -18.12 2.22
C GLY A 205 -17.25 -17.74 1.25
N ARG A 206 -18.41 -18.39 1.37
CA ARG A 206 -19.54 -18.13 0.49
C ARG A 206 -20.32 -16.86 0.90
N PHE A 207 -19.97 -16.29 2.05
CA PHE A 207 -20.80 -15.22 2.62
C PHE A 207 -20.21 -13.81 2.43
N GLU A 208 -20.92 -13.01 1.64
CA GLU A 208 -20.50 -11.63 1.37
C GLU A 208 -21.42 -10.63 2.07
N LEU A 209 -21.08 -9.36 1.96
CA LEU A 209 -21.81 -8.28 2.64
C LEU A 209 -23.27 -8.13 2.18
N ASP A 210 -23.59 -8.58 0.97
CA ASP A 210 -24.97 -8.53 0.47
C ASP A 210 -25.91 -9.43 1.25
N GLN A 211 -25.36 -10.40 1.98
CA GLN A 211 -26.15 -11.27 2.83
C GLN A 211 -26.06 -10.85 4.30
N ALA A 212 -25.23 -9.84 4.58
CA ALA A 212 -25.01 -9.38 5.95
C ALA A 212 -26.03 -8.34 6.39
N ARG A 213 -26.53 -8.50 7.62
CA ARG A 213 -27.42 -7.50 8.21
C ARG A 213 -26.79 -6.84 9.42
N SER A 214 -27.20 -5.60 9.69
CA SER A 214 -26.77 -4.90 10.89
C SER A 214 -27.50 -5.46 12.12
N LEU A 215 -26.93 -5.21 13.30
CA LEU A 215 -27.49 -5.69 14.56
C LEU A 215 -28.83 -5.05 14.93
N ASP A 216 -29.01 -3.79 14.53
CA ASP A 216 -30.28 -3.09 14.74
C ASP A 216 -31.37 -3.63 13.80
N ASP A 217 -30.97 -3.93 12.57
CA ASP A 217 -31.84 -4.55 11.57
C ASP A 217 -32.32 -5.91 12.08
N LEU A 218 -31.40 -6.65 12.68
CA LEU A 218 -31.67 -7.98 13.23
C LEU A 218 -32.56 -7.92 14.47
N ALA A 219 -32.37 -6.89 15.29
CA ALA A 219 -33.16 -6.71 16.51
C ALA A 219 -34.61 -6.37 16.19
N GLU A 220 -34.80 -5.61 15.10
CA GLU A 220 -36.13 -5.22 14.62
C GLU A 220 -36.94 -6.45 14.20
N ARG A 221 -36.35 -7.27 13.33
CA ARG A 221 -36.96 -8.52 12.90
C ARG A 221 -35.96 -9.68 12.99
N PRO A 222 -35.96 -10.37 14.13
CA PRO A 222 -35.04 -11.50 14.35
C PRO A 222 -35.30 -12.64 13.39
N ALA A 223 -34.30 -12.93 12.55
CA ALA A 223 -34.39 -14.01 11.58
C ALA A 223 -33.01 -14.55 11.25
N LEU A 224 -32.94 -15.83 10.91
CA LEU A 224 -31.72 -16.46 10.44
C LEU A 224 -31.48 -16.08 9.00
N SER A 225 -30.20 -16.02 8.60
CA SER A 225 -29.84 -15.92 7.19
C SER A 225 -30.20 -17.23 6.50
N LEU A 226 -29.74 -18.34 7.09
CA LEU A 226 -30.05 -19.67 6.60
C LEU A 226 -30.35 -20.59 7.77
N SER A 227 -31.30 -21.50 7.57
CA SER A 227 -31.51 -22.59 8.52
C SER A 227 -30.30 -23.51 8.45
N LEU A 228 -30.11 -24.34 9.47
CA LEU A 228 -28.99 -25.26 9.50
C LEU A 228 -29.04 -26.21 8.29
N ASP A 229 -30.25 -26.70 7.98
CA ASP A 229 -30.45 -27.53 6.79
C ASP A 229 -29.97 -26.79 5.54
N GLU A 230 -30.41 -25.54 5.39
CA GLU A 230 -30.08 -24.73 4.21
C GLU A 230 -28.58 -24.48 4.08
N ALA A 231 -27.93 -24.16 5.20
CA ALA A 231 -26.50 -23.89 5.23
C ALA A 231 -25.66 -25.11 4.83
N CYS A 232 -26.02 -26.29 5.32
CA CYS A 232 -25.30 -27.52 4.98
C CYS A 232 -25.48 -27.90 3.51
N LEU A 233 -26.70 -27.79 3.02
CA LEU A 233 -26.99 -28.14 1.63
C LEU A 233 -26.35 -27.16 0.64
N LEU A 234 -26.20 -25.91 1.07
CA LEU A 234 -25.48 -24.91 0.28
C LEU A 234 -23.98 -25.22 0.23
N MET A 235 -23.41 -25.52 1.39
CA MET A 235 -21.96 -25.63 1.53
C MET A 235 -21.37 -26.94 1.03
N PHE A 236 -22.07 -28.05 1.27
CA PHE A 236 -21.50 -29.39 1.06
C PHE A 236 -22.15 -30.23 -0.03
N ALA A 237 -21.44 -31.30 -0.41
CA ALA A 237 -22.02 -32.36 -1.23
C ALA A 237 -23.15 -33.00 -0.44
N ARG A 238 -24.00 -33.77 -1.13
CA ARG A 238 -25.19 -34.33 -0.49
C ARG A 238 -25.31 -35.83 -0.75
N ARG A 239 -25.74 -36.56 0.27
CA ARG A 239 -26.06 -37.97 0.18
C ARG A 239 -27.41 -38.25 0.84
N ASP A 240 -28.33 -38.81 0.06
CA ASP A 240 -29.62 -39.24 0.59
C ASP A 240 -29.49 -40.61 1.23
N LEU A 241 -29.96 -40.73 2.46
CA LEU A 241 -29.89 -41.98 3.20
C LEU A 241 -31.23 -42.70 3.24
N THR A 242 -31.19 -44.02 3.27
CA THR A 242 -32.38 -44.81 3.57
C THR A 242 -32.67 -44.70 5.06
N ALA A 243 -33.86 -45.15 5.47
CA ALA A 243 -34.26 -45.10 6.89
C ALA A 243 -33.24 -45.79 7.80
N ALA A 244 -32.64 -46.88 7.31
CA ALA A 244 -31.65 -47.64 8.06
C ALA A 244 -30.34 -46.87 8.22
N GLU A 245 -29.88 -46.26 7.13
CA GLU A 245 -28.67 -45.44 7.16
C GLU A 245 -28.88 -44.19 8.01
N ALA A 246 -30.07 -43.62 7.93
CA ALA A 246 -30.43 -42.41 8.67
C ALA A 246 -30.48 -42.64 10.19
N SER A 247 -30.91 -43.83 10.60
CA SER A 247 -30.93 -44.18 12.02
C SER A 247 -29.51 -44.35 12.55
N ALA A 248 -28.64 -44.96 11.74
CA ALA A 248 -27.24 -45.14 12.10
C ALA A 248 -26.45 -43.84 12.14
N ALA A 249 -26.80 -42.89 11.25
CA ALA A 249 -26.17 -41.58 11.23
C ALA A 249 -26.55 -40.72 12.44
N ALA A 250 -27.79 -40.86 12.89
CA ALA A 250 -28.29 -40.12 14.06
C ALA A 250 -27.62 -40.57 15.36
N ASN A 251 -27.01 -41.75 15.34
CA ASN A 251 -26.27 -42.28 16.47
C ASN A 251 -24.76 -42.09 16.34
N GLY A 252 -24.32 -41.61 15.18
CA GLY A 252 -22.91 -41.42 14.88
C GLY A 252 -22.20 -42.72 14.55
N ARG A 253 -22.97 -43.73 14.12
CA ARG A 253 -22.42 -45.01 13.67
C ARG A 253 -22.09 -44.96 12.18
N SER A 254 -21.08 -45.72 11.77
CA SER A 254 -20.56 -45.67 10.39
C SER A 254 -21.47 -46.34 9.36
N LEU A 255 -21.40 -45.84 8.13
CA LEU A 255 -22.10 -46.40 6.98
C LEU A 255 -21.08 -46.78 5.91
N PRO A 256 -21.50 -47.54 4.90
CA PRO A 256 -20.67 -47.76 3.71
C PRO A 256 -20.33 -46.44 3.01
N ALA A 257 -19.07 -46.23 2.65
CA ALA A 257 -18.65 -45.04 1.92
C ALA A 257 -18.98 -45.18 0.44
N VAL A 258 -19.28 -44.04 -0.20
CA VAL A 258 -19.64 -44.03 -1.63
C VAL A 258 -18.69 -43.21 -2.51
N GLY A 259 -17.54 -42.82 -1.96
CA GLY A 259 -16.53 -42.11 -2.71
C GLY A 259 -16.74 -40.62 -2.84
N ILE A 260 -17.51 -40.04 -1.92
CA ILE A 260 -17.68 -38.58 -1.89
C ILE A 260 -16.38 -37.92 -1.45
N ASP A 261 -16.07 -36.81 -2.10
CA ASP A 261 -14.88 -36.02 -1.87
C ASP A 261 -15.23 -34.91 -0.88
N GLY A 262 -14.61 -34.92 0.29
CA GLY A 262 -14.83 -33.88 1.30
C GLY A 262 -16.01 -34.14 2.23
N VAL A 263 -16.25 -33.21 3.17
CA VAL A 263 -17.37 -33.32 4.10
C VAL A 263 -18.69 -33.20 3.33
N TYR A 264 -19.65 -34.05 3.68
CA TYR A 264 -20.96 -33.99 3.01
C TYR A 264 -22.16 -34.07 3.95
N ALA A 265 -23.30 -33.56 3.48
CA ALA A 265 -24.55 -33.59 4.24
C ALA A 265 -25.30 -34.89 3.97
N ALA A 266 -25.56 -35.64 5.05
CA ALA A 266 -26.31 -36.89 4.96
C ALA A 266 -27.76 -36.64 5.38
N CYS A 267 -28.67 -36.80 4.42
CA CYS A 267 -30.08 -36.39 4.57
C CYS A 267 -31.04 -37.56 4.65
N ASP A 268 -32.15 -37.34 5.38
CA ASP A 268 -33.24 -38.31 5.39
C ASP A 268 -34.19 -38.08 4.22
N ALA A 269 -35.26 -38.85 4.16
CA ALA A 269 -36.24 -38.77 3.07
C ALA A 269 -36.89 -37.39 2.96
N ASP A 270 -36.92 -36.66 4.07
CA ASP A 270 -37.59 -35.36 4.15
C ASP A 270 -36.65 -34.18 3.84
N GLY A 271 -35.39 -34.49 3.53
CA GLY A 271 -34.39 -33.47 3.22
C GLY A 271 -33.72 -32.86 4.43
N ARG A 272 -34.04 -33.38 5.61
CA ARG A 272 -33.42 -32.92 6.86
C ARG A 272 -32.01 -33.48 6.96
N VAL A 273 -31.05 -32.60 7.28
CA VAL A 273 -29.64 -33.00 7.42
C VAL A 273 -29.41 -33.60 8.81
N ILE A 274 -29.17 -34.91 8.82
CA ILE A 274 -29.00 -35.66 10.08
C ILE A 274 -27.58 -35.51 10.61
N ALA A 275 -26.62 -35.58 9.69
CA ALA A 275 -25.22 -35.57 10.06
C ALA A 275 -24.35 -35.09 8.91
N LEU A 276 -23.18 -34.58 9.26
CA LEU A 276 -22.13 -34.29 8.29
C LEU A 276 -21.11 -35.42 8.39
N LEU A 277 -20.79 -36.02 7.25
CA LEU A 277 -19.91 -37.18 7.21
C LEU A 277 -18.73 -36.98 6.26
N ARG A 278 -17.76 -37.90 6.36
CA ARG A 278 -16.64 -37.96 5.44
C ARG A 278 -16.45 -39.43 5.05
N ASP A 279 -16.16 -39.68 3.78
CA ASP A 279 -15.86 -41.03 3.32
C ASP A 279 -14.37 -41.31 3.54
N GLU A 280 -14.08 -42.41 4.23
CA GLU A 280 -12.70 -42.83 4.48
C GLU A 280 -12.52 -44.29 4.11
N GLY A 281 -12.05 -44.52 2.89
CA GLY A 281 -11.90 -45.89 2.38
C GLY A 281 -13.29 -46.45 2.06
N SER A 282 -13.64 -47.55 2.71
CA SER A 282 -14.93 -48.21 2.49
C SER A 282 -16.00 -47.81 3.50
N ARG A 283 -15.62 -47.01 4.49
CA ARG A 283 -16.51 -46.62 5.59
C ARG A 283 -16.59 -45.11 5.79
N THR A 284 -17.72 -44.64 6.32
CA THR A 284 -17.89 -43.23 6.65
C THR A 284 -17.40 -42.95 8.06
N ARG A 285 -17.08 -41.68 8.33
CA ARG A 285 -16.72 -41.23 9.66
C ARG A 285 -17.54 -39.96 9.93
N SER A 286 -18.10 -39.87 11.13
CA SER A 286 -18.95 -38.75 11.49
C SER A 286 -18.14 -37.49 11.78
N VAL A 287 -18.50 -36.38 11.15
CA VAL A 287 -17.84 -35.11 11.38
C VAL A 287 -18.62 -34.33 12.43
N ALA A 288 -19.95 -34.37 12.31
CA ALA A 288 -20.86 -33.75 13.26
C ALA A 288 -22.25 -34.38 13.13
N VAL A 289 -22.89 -34.67 14.25
CA VAL A 289 -24.28 -35.11 14.23
C VAL A 289 -25.18 -33.91 14.51
N LEU A 290 -26.05 -33.61 13.54
CA LEU A 290 -26.87 -32.41 13.61
C LEU A 290 -28.27 -32.65 14.15
N ARG A 291 -28.79 -33.86 13.96
CA ARG A 291 -30.08 -34.25 14.50
C ARG A 291 -29.96 -35.58 15.26
N PRO A 292 -29.44 -35.54 16.48
CA PRO A 292 -29.25 -36.77 17.28
C PRO A 292 -30.57 -37.34 17.78
N MET B 1 21.39 -5.42 4.29
CA MET B 1 21.46 -6.55 3.34
C MET B 1 22.26 -6.23 2.08
N SER B 2 22.95 -5.08 2.08
CA SER B 2 23.89 -4.75 1.00
C SER B 2 25.35 -4.72 1.47
N ALA B 3 26.26 -5.09 0.57
CA ALA B 3 27.70 -5.03 0.86
C ALA B 3 28.14 -3.62 1.21
N THR B 4 27.59 -2.63 0.52
CA THR B 4 27.92 -1.23 0.72
C THR B 4 27.36 -0.67 2.02
N GLY B 5 26.30 -1.29 2.52
CA GLY B 5 25.54 -0.71 3.62
C GLY B 5 24.59 0.35 3.10
N PRO B 6 23.86 1.01 4.00
CA PRO B 6 22.84 1.98 3.58
C PRO B 6 23.45 3.33 3.14
N GLY B 7 22.80 3.97 2.17
CA GLY B 7 23.24 5.28 1.74
C GLY B 7 22.53 5.76 0.50
N ILE B 8 23.03 6.85 -0.06
CA ILE B 8 22.42 7.47 -1.22
C ILE B 8 23.34 7.30 -2.42
N VAL B 9 22.75 7.14 -3.60
CA VAL B 9 23.54 7.14 -4.82
C VAL B 9 22.87 8.02 -5.87
N VAL B 10 23.68 8.88 -6.48
CA VAL B 10 23.21 9.81 -7.52
C VAL B 10 23.45 9.19 -8.90
N ILE B 11 22.36 9.01 -9.65
CA ILE B 11 22.40 8.38 -10.98
C ILE B 11 22.18 9.41 -12.08
N ASP B 12 22.97 9.34 -13.13
CA ASP B 12 22.67 10.03 -14.38
C ASP B 12 21.81 9.07 -15.18
N LYS B 13 20.48 9.28 -15.16
CA LYS B 13 19.56 8.32 -15.78
C LYS B 13 19.71 8.29 -17.30
N PRO B 14 19.71 7.08 -17.87
CA PRO B 14 19.68 6.89 -19.33
C PRO B 14 18.35 7.35 -19.92
N ALA B 15 18.39 7.87 -21.14
CA ALA B 15 17.17 8.20 -21.88
C ALA B 15 16.37 6.94 -22.16
N GLY B 16 15.05 7.03 -22.00
CA GLY B 16 14.16 5.91 -22.27
C GLY B 16 13.82 5.05 -21.06
N MET B 17 14.71 5.02 -20.07
CA MET B 17 14.51 4.18 -18.89
C MET B 17 13.57 4.84 -17.88
N THR B 18 12.60 4.09 -17.36
CA THR B 18 11.72 4.62 -16.33
C THR B 18 12.48 4.68 -15.02
N SER B 19 12.06 5.57 -14.13
CA SER B 19 12.68 5.69 -12.82
C SER B 19 12.51 4.40 -12.03
N HIS B 20 11.34 3.77 -12.18
CA HIS B 20 11.07 2.47 -11.56
C HIS B 20 12.08 1.41 -12.03
N ASP B 21 12.42 1.44 -13.32
CA ASP B 21 13.40 0.48 -13.84
C ASP B 21 14.83 0.76 -13.38
N VAL B 22 15.16 2.03 -13.13
CA VAL B 22 16.43 2.38 -12.49
C VAL B 22 16.46 1.75 -11.10
N VAL B 23 15.36 1.89 -10.36
CA VAL B 23 15.27 1.30 -9.03
C VAL B 23 15.48 -0.22 -9.11
N GLY B 24 14.80 -0.86 -10.06
CA GLY B 24 14.95 -2.28 -10.31
C GLY B 24 16.38 -2.70 -10.59
N ARG B 25 17.06 -1.93 -11.42
CA ARG B 25 18.46 -2.18 -11.76
C ARG B 25 19.35 -2.06 -10.50
N CYS B 26 19.08 -1.05 -9.67
CA CYS B 26 19.83 -0.87 -8.42
C CYS B 26 19.59 -1.99 -7.42
N ARG B 27 18.40 -2.60 -7.43
CA ARG B 27 18.16 -3.81 -6.64
C ARG B 27 19.15 -4.91 -6.99
N ARG B 28 19.43 -5.06 -8.30
CA ARG B 28 20.37 -6.06 -8.79
C ARG B 28 21.83 -5.69 -8.49
N ILE B 29 22.20 -4.44 -8.78
CA ILE B 29 23.57 -3.94 -8.56
C ILE B 29 24.00 -4.02 -7.09
N PHE B 30 23.14 -3.53 -6.21
CA PHE B 30 23.44 -3.49 -4.79
C PHE B 30 23.01 -4.78 -4.09
N ALA B 31 22.48 -5.70 -4.89
CA ALA B 31 22.03 -7.02 -4.46
C ALA B 31 21.15 -6.97 -3.22
N THR B 32 20.11 -6.15 -3.27
CA THR B 32 19.21 -5.99 -2.13
C THR B 32 17.79 -5.59 -2.54
N ARG B 33 16.83 -5.95 -1.69
CA ARG B 33 15.42 -5.74 -2.01
C ARG B 33 14.93 -4.31 -1.74
N ARG B 34 15.59 -3.61 -0.81
CA ARG B 34 15.14 -2.29 -0.37
C ARG B 34 15.80 -1.11 -1.08
N VAL B 35 15.13 -0.58 -2.10
CA VAL B 35 15.63 0.51 -2.93
C VAL B 35 14.46 1.43 -3.32
N GLY B 36 14.72 2.73 -3.42
CA GLY B 36 13.71 3.68 -3.86
C GLY B 36 14.36 4.93 -4.41
N HIS B 37 13.58 5.80 -5.02
CA HIS B 37 14.10 7.07 -5.52
C HIS B 37 13.43 8.24 -4.80
N ALA B 38 14.06 9.41 -4.87
CA ALA B 38 13.59 10.61 -4.16
C ALA B 38 12.73 11.52 -5.02
N GLY B 39 12.23 11.03 -6.14
CA GLY B 39 11.46 11.88 -7.03
C GLY B 39 11.67 11.52 -8.47
N THR B 40 10.57 11.18 -9.13
CA THR B 40 10.61 10.62 -10.48
C THR B 40 11.26 11.53 -11.51
N LEU B 41 11.91 10.88 -12.48
CA LEU B 41 12.46 11.54 -13.64
C LEU B 41 11.85 10.92 -14.88
N ASP B 42 11.36 11.79 -15.76
CA ASP B 42 10.70 11.40 -17.01
C ASP B 42 11.45 10.31 -17.77
N PRO B 43 10.77 9.27 -18.21
CA PRO B 43 11.40 8.20 -18.99
C PRO B 43 12.25 8.73 -20.15
N MET B 44 11.73 9.69 -20.89
CA MET B 44 12.48 10.21 -22.02
C MET B 44 13.65 11.14 -21.61
N ALA B 45 13.65 11.58 -20.35
CA ALA B 45 14.69 12.50 -19.84
C ALA B 45 15.98 11.79 -19.42
N THR B 46 17.07 12.56 -19.30
CA THR B 46 18.30 12.09 -18.66
C THR B 46 18.57 12.95 -17.43
N GLY B 47 19.60 12.57 -16.66
CA GLY B 47 20.06 13.42 -15.57
C GLY B 47 19.77 12.91 -14.17
N VAL B 48 19.80 13.84 -13.22
CA VAL B 48 19.89 13.49 -11.79
C VAL B 48 18.66 12.76 -11.26
N LEU B 49 18.87 11.51 -10.86
CA LEU B 49 17.89 10.74 -10.10
C LEU B 49 18.55 10.26 -8.82
N VAL B 50 17.96 10.60 -7.69
CA VAL B 50 18.54 10.28 -6.38
C VAL B 50 17.96 8.96 -5.86
N ILE B 51 18.84 7.99 -5.65
CA ILE B 51 18.47 6.65 -5.19
C ILE B 51 18.86 6.41 -3.74
N GLY B 52 17.98 5.77 -2.98
CA GLY B 52 18.26 5.37 -1.62
C GLY B 52 18.37 3.86 -1.51
N ILE B 53 19.34 3.39 -0.73
CA ILE B 53 19.63 1.97 -0.55
C ILE B 53 19.38 1.57 0.90
N GLU B 54 18.60 0.50 1.09
CA GLU B 54 18.31 -0.06 2.41
C GLU B 54 17.76 0.99 3.37
N ARG B 55 18.36 1.14 4.56
CA ARG B 55 17.85 2.08 5.56
C ARG B 55 17.75 3.53 5.05
N ALA B 56 18.56 3.87 4.05
CA ALA B 56 18.51 5.20 3.46
C ALA B 56 17.19 5.49 2.72
N THR B 57 16.43 4.46 2.36
CA THR B 57 15.10 4.73 1.77
C THR B 57 14.24 5.57 2.70
N LYS B 58 14.53 5.51 4.00
CA LYS B 58 13.79 6.28 5.01
C LYS B 58 13.89 7.80 4.87
N ILE B 59 14.96 8.30 4.27
CA ILE B 59 15.15 9.74 4.13
C ILE B 59 14.73 10.32 2.78
N LEU B 60 14.26 9.45 1.88
CA LEU B 60 13.92 9.90 0.53
C LEU B 60 12.80 10.95 0.52
N GLY B 61 11.87 10.81 1.47
CA GLY B 61 10.78 11.77 1.62
C GLY B 61 11.23 13.15 2.08
N LEU B 62 12.40 13.21 2.70
CA LEU B 62 13.00 14.49 3.06
C LEU B 62 13.81 15.07 1.91
N LEU B 63 14.49 14.19 1.18
CA LEU B 63 15.31 14.58 0.02
C LEU B 63 14.45 15.14 -1.11
N THR B 64 13.19 14.71 -1.15
CA THR B 64 12.27 15.06 -2.22
C THR B 64 11.70 16.48 -2.11
N ALA B 65 11.99 17.15 -0.99
CA ALA B 65 11.62 18.56 -0.80
C ALA B 65 12.43 19.50 -1.71
N ALA B 66 13.60 19.05 -2.14
CA ALA B 66 14.56 19.87 -2.86
C ALA B 66 14.01 20.46 -4.18
N PRO B 67 14.43 21.67 -4.54
CA PRO B 67 14.09 22.24 -5.84
C PRO B 67 14.91 21.57 -6.94
N LYS B 68 14.42 21.64 -8.17
CA LYS B 68 15.12 21.01 -9.28
C LYS B 68 15.34 21.95 -10.45
N SER B 69 16.26 21.56 -11.34
CA SER B 69 16.59 22.35 -12.51
C SER B 69 16.70 21.45 -13.73
N TYR B 70 16.14 21.92 -14.84
CA TYR B 70 16.16 21.20 -16.12
C TYR B 70 16.68 22.07 -17.25
N ALA B 71 17.32 21.43 -18.22
CA ALA B 71 17.50 22.00 -19.54
C ALA B 71 16.59 21.21 -20.48
N ALA B 72 15.79 21.92 -21.27
CA ALA B 72 14.79 21.26 -22.12
C ALA B 72 14.72 21.86 -23.51
N THR B 73 14.36 21.03 -24.47
CA THR B 73 13.96 21.49 -25.80
C THR B 73 12.48 21.19 -26.04
N ILE B 74 11.74 22.21 -26.47
CA ILE B 74 10.30 22.09 -26.72
C ILE B 74 10.00 22.33 -28.19
N ARG B 75 9.22 21.44 -28.78
CA ARG B 75 8.77 21.57 -30.17
C ARG B 75 7.38 22.19 -30.21
N LEU B 76 7.28 23.38 -30.79
CA LEU B 76 5.99 24.05 -30.97
C LEU B 76 5.45 23.82 -32.38
N GLY B 77 4.15 23.52 -32.46
CA GLY B 77 3.50 23.23 -33.72
C GLY B 77 2.97 21.82 -33.79
N GLN B 78 3.29 21.02 -32.76
CA GLN B 78 2.92 19.61 -32.72
C GLN B 78 2.64 19.14 -31.29
N THR B 79 1.55 18.40 -31.12
CA THR B 79 1.31 17.63 -29.88
C THR B 79 1.59 16.16 -30.14
N THR B 80 1.95 15.43 -29.09
CA THR B 80 2.12 13.97 -29.18
C THR B 80 1.27 13.23 -28.14
N SER B 81 1.19 11.91 -28.28
CA SER B 81 0.42 11.06 -27.38
C SER B 81 1.05 10.95 -25.99
N THR B 82 2.35 11.24 -25.91
CA THR B 82 3.09 11.13 -24.67
C THR B 82 3.52 12.49 -24.15
N GLU B 83 3.21 13.53 -24.93
CA GLU B 83 3.67 14.91 -24.70
C GLU B 83 5.20 15.03 -24.81
N ASP B 84 5.81 14.02 -25.44
CA ASP B 84 7.24 14.02 -25.75
C ASP B 84 7.49 13.32 -27.10
N ALA B 85 8.73 13.35 -27.56
CA ALA B 85 9.07 12.88 -28.92
C ALA B 85 8.93 11.37 -29.15
N GLU B 86 8.66 10.61 -28.09
CA GLU B 86 8.53 9.15 -28.18
C GLU B 86 7.18 8.71 -28.76
N GLY B 87 6.15 9.51 -28.51
CA GLY B 87 4.82 9.23 -29.03
C GLY B 87 4.62 9.76 -30.43
N GLN B 88 3.57 9.28 -31.09
CA GLN B 88 3.22 9.74 -32.44
C GLN B 88 2.59 11.13 -32.38
N VAL B 89 2.70 11.87 -33.48
CA VAL B 89 2.11 13.20 -33.61
C VAL B 89 0.59 13.07 -33.65
N LEU B 90 -0.08 13.73 -32.71
CA LEU B 90 -1.54 13.73 -32.66
C LEU B 90 -2.11 14.83 -33.54
N GLN B 91 -1.68 16.07 -33.27
CA GLN B 91 -2.19 17.24 -33.99
C GLN B 91 -1.05 18.18 -34.36
N SER B 92 -1.08 18.67 -35.60
CA SER B 92 -0.17 19.70 -36.07
C SER B 92 -0.93 21.01 -36.31
N VAL B 93 -0.28 22.12 -36.02
CA VAL B 93 -0.78 23.46 -36.34
C VAL B 93 0.40 24.29 -36.83
N PRO B 94 0.29 24.92 -38.00
CA PRO B 94 1.35 25.79 -38.51
C PRO B 94 1.79 26.81 -37.47
N ALA B 95 3.08 26.85 -37.18
CA ALA B 95 3.63 27.72 -36.12
C ALA B 95 4.58 28.78 -36.66
N LYS B 96 4.77 28.83 -37.98
CA LYS B 96 5.73 29.72 -38.61
C LYS B 96 5.56 31.21 -38.28
N HIS B 97 4.32 31.62 -37.98
CA HIS B 97 3.99 33.02 -37.71
C HIS B 97 4.39 33.51 -36.32
N LEU B 98 4.68 32.59 -35.39
CA LEU B 98 4.95 32.97 -34.01
C LEU B 98 6.20 33.85 -33.84
N THR B 99 6.08 34.89 -33.02
CA THR B 99 7.20 35.78 -32.73
C THR B 99 7.92 35.35 -31.45
N ILE B 100 9.17 35.77 -31.29
CA ILE B 100 9.92 35.49 -30.05
C ILE B 100 9.25 36.16 -28.85
N GLU B 101 8.74 37.38 -29.06
CA GLU B 101 8.04 38.12 -28.02
C GLU B 101 6.81 37.36 -27.51
N ALA B 102 6.05 36.78 -28.43
CA ALA B 102 4.85 36.02 -28.09
C ALA B 102 5.17 34.74 -27.32
N ILE B 103 6.25 34.08 -27.70
CA ILE B 103 6.70 32.86 -27.01
C ILE B 103 7.16 33.20 -25.59
N ASP B 104 7.97 34.26 -25.48
CA ASP B 104 8.47 34.74 -24.20
C ASP B 104 7.33 35.17 -23.27
N ALA B 105 6.33 35.85 -23.83
CA ALA B 105 5.15 36.30 -23.07
C ALA B 105 4.33 35.14 -22.51
N ALA B 106 4.14 34.09 -23.32
CA ALA B 106 3.39 32.90 -22.89
C ALA B 106 4.14 32.12 -21.81
N MET B 107 5.47 32.14 -21.90
CA MET B 107 6.32 31.46 -20.93
C MET B 107 6.26 32.14 -19.56
N GLU B 108 6.30 33.48 -19.56
CA GLU B 108 6.17 34.27 -18.33
C GLU B 108 4.80 34.08 -17.68
N ARG B 109 3.76 34.00 -18.50
CA ARG B 109 2.39 33.74 -18.05
C ARG B 109 2.31 32.44 -17.24
N LEU B 110 2.96 31.39 -17.74
CA LEU B 110 2.97 30.09 -17.08
C LEU B 110 3.88 30.05 -15.86
N ARG B 111 4.87 30.93 -15.83
CA ARG B 111 5.80 31.04 -14.71
C ARG B 111 5.10 31.65 -13.49
N SER B 140 -5.97 1.51 -14.76
CA SER B 140 -4.73 1.99 -14.15
C SER B 140 -5.00 3.07 -13.11
N VAL B 141 -4.50 2.86 -11.90
CA VAL B 141 -4.70 3.78 -10.78
C VAL B 141 -3.83 5.02 -10.94
N GLN B 142 -4.40 6.17 -10.64
CA GLN B 142 -3.71 7.46 -10.78
C GLN B 142 -3.62 8.21 -9.45
N LEU B 143 -2.48 8.86 -9.23
CA LEU B 143 -2.26 9.68 -8.05
C LEU B 143 -2.17 11.15 -8.44
N GLU B 144 -2.86 12.00 -7.67
CA GLU B 144 -2.89 13.44 -7.91
C GLU B 144 -1.50 14.07 -7.92
N ALA B 145 -1.34 15.12 -8.72
CA ALA B 145 -0.06 15.83 -8.83
C ALA B 145 0.24 16.66 -7.58
N ARG B 146 1.53 16.82 -7.30
CA ARG B 146 2.02 17.67 -6.22
C ARG B 146 1.77 19.15 -6.53
N PRO B 147 1.85 20.03 -5.53
CA PRO B 147 1.78 21.47 -5.77
C PRO B 147 2.89 21.94 -6.71
N ILE B 148 2.50 22.47 -7.87
CA ILE B 148 3.46 22.92 -8.87
C ILE B 148 3.86 24.37 -8.65
N ARG B 149 5.16 24.65 -8.80
CA ARG B 149 5.71 25.98 -8.59
C ARG B 149 6.91 26.21 -9.51
N ILE B 150 6.74 27.07 -10.50
CA ILE B 150 7.82 27.39 -11.44
C ILE B 150 8.49 28.70 -11.04
N ASP B 151 9.78 28.62 -10.74
CA ASP B 151 10.56 29.77 -10.30
C ASP B 151 11.29 30.46 -11.46
N ARG B 152 11.69 29.67 -12.44
CA ARG B 152 12.38 30.17 -13.62
C ARG B 152 11.96 29.37 -14.84
N PHE B 153 11.67 30.07 -15.93
CA PHE B 153 11.31 29.47 -17.20
C PHE B 153 11.92 30.37 -18.27
N GLU B 154 13.19 30.16 -18.56
CA GLU B 154 13.96 31.07 -19.41
C GLU B 154 14.12 30.54 -20.83
N LEU B 155 13.93 31.43 -21.80
CA LEU B 155 14.13 31.10 -23.21
C LEU B 155 15.59 31.36 -23.60
N LEU B 156 16.28 30.31 -24.02
CA LEU B 156 17.70 30.40 -24.32
C LEU B 156 17.97 30.51 -25.83
N ALA B 157 17.28 29.67 -26.60
CA ALA B 157 17.48 29.62 -28.04
C ALA B 157 16.17 29.30 -28.75
N ALA B 158 16.07 29.72 -30.00
CA ALA B 158 14.92 29.40 -30.84
C ALA B 158 15.38 29.09 -32.26
N ARG B 159 14.96 27.94 -32.78
CA ARG B 159 15.29 27.54 -34.16
C ARG B 159 14.01 27.29 -34.95
N ARG B 160 13.86 28.01 -36.06
CA ARG B 160 12.68 27.89 -36.90
C ARG B 160 12.92 26.86 -38.00
N ARG B 161 12.06 25.84 -38.02
CA ARG B 161 12.16 24.75 -38.99
C ARG B 161 10.82 24.53 -39.71
N ASP B 162 10.64 25.24 -40.83
CA ASP B 162 9.40 25.25 -41.61
C ASP B 162 8.17 25.68 -40.80
N GLN B 163 7.30 24.74 -40.46
CA GLN B 163 6.08 25.06 -39.71
C GLN B 163 6.19 24.71 -38.23
N LEU B 164 7.41 24.35 -37.81
CA LEU B 164 7.72 24.06 -36.40
C LEU B 164 8.70 25.09 -35.86
N ILE B 165 8.72 25.23 -34.54
CA ILE B 165 9.73 26.02 -33.84
C ILE B 165 10.25 25.23 -32.65
N ASP B 166 11.56 25.02 -32.61
CA ASP B 166 12.20 24.37 -31.46
C ASP B 166 12.81 25.42 -30.56
N ILE B 167 12.48 25.36 -29.27
CA ILE B 167 13.05 26.29 -28.31
C ILE B 167 13.83 25.57 -27.22
N ASP B 168 15.03 26.06 -26.95
CA ASP B 168 15.80 25.58 -25.82
C ASP B 168 15.51 26.46 -24.61
N VAL B 169 15.14 25.82 -23.51
CA VAL B 169 14.73 26.53 -22.31
C VAL B 169 15.44 25.98 -21.07
N GLU B 170 15.45 26.78 -20.01
CA GLU B 170 15.89 26.30 -18.70
C GLU B 170 14.76 26.52 -17.70
N ILE B 171 14.55 25.54 -16.82
CA ILE B 171 13.47 25.59 -15.84
C ILE B 171 13.99 25.28 -14.43
N ASP B 172 13.71 26.18 -13.50
CA ASP B 172 13.90 25.93 -12.07
C ASP B 172 12.52 25.85 -11.42
N CYS B 173 12.28 24.78 -10.68
CA CYS B 173 10.93 24.49 -10.19
C CYS B 173 10.93 23.60 -8.97
N SER B 174 9.75 23.46 -8.36
CA SER B 174 9.56 22.54 -7.23
C SER B 174 9.61 21.10 -7.73
N SER B 175 9.95 20.19 -6.82
CA SER B 175 10.17 18.79 -7.17
C SER B 175 8.95 18.10 -7.80
N GLY B 176 7.75 18.55 -7.44
CA GLY B 176 6.52 18.00 -7.97
C GLY B 176 6.17 18.37 -9.40
N THR B 177 6.85 19.38 -9.96
CA THR B 177 6.56 19.92 -11.29
C THR B 177 6.87 18.93 -12.42
N TYR B 178 5.94 18.81 -13.36
CA TYR B 178 6.13 18.00 -14.56
C TYR B 178 6.40 18.92 -15.74
N ILE B 179 7.58 18.77 -16.35
CA ILE B 179 7.95 19.60 -17.49
C ILE B 179 7.12 19.31 -18.74
N ARG B 180 6.67 18.06 -18.87
CA ARG B 180 5.84 17.67 -20.02
C ARG B 180 4.53 18.45 -20.06
N ALA B 181 3.90 18.61 -18.89
CA ALA B 181 2.68 19.40 -18.75
C ALA B 181 2.92 20.87 -19.10
N LEU B 182 4.08 21.38 -18.67
CA LEU B 182 4.46 22.77 -18.94
C LEU B 182 4.61 23.06 -20.43
N ALA B 183 5.25 22.14 -21.15
CA ALA B 183 5.42 22.28 -22.60
C ALA B 183 4.08 22.20 -23.34
N ARG B 184 3.22 21.28 -22.89
CA ARG B 184 1.86 21.15 -23.41
C ARG B 184 1.09 22.45 -23.20
N ASP B 185 1.17 22.98 -21.98
CA ASP B 185 0.47 24.21 -21.63
C ASP B 185 0.96 25.40 -22.45
N LEU B 186 2.27 25.44 -22.72
CA LEU B 186 2.86 26.49 -23.56
C LEU B 186 2.35 26.41 -25.00
N GLY B 187 2.32 25.20 -25.55
CA GLY B 187 1.79 24.96 -26.88
C GLY B 187 0.33 25.36 -27.02
N ASP B 188 -0.48 25.03 -26.01
CA ASP B 188 -1.91 25.38 -25.99
C ASP B 188 -2.12 26.88 -25.91
N ALA B 189 -1.34 27.53 -25.06
CA ALA B 189 -1.36 28.99 -24.90
C ALA B 189 -1.06 29.71 -26.21
N LEU B 190 -0.07 29.20 -26.94
CA LEU B 190 0.32 29.78 -28.22
C LEU B 190 -0.62 29.36 -29.35
N GLY B 191 -1.43 28.34 -29.09
CA GLY B 191 -2.45 27.90 -30.02
C GLY B 191 -1.93 27.02 -31.14
N VAL B 192 -0.75 26.44 -30.94
CA VAL B 192 -0.11 25.64 -31.98
C VAL B 192 0.24 24.22 -31.50
N GLY B 193 0.13 24.02 -30.19
CA GLY B 193 0.50 22.76 -29.58
C GLY B 193 2.00 22.67 -29.33
N GLY B 194 2.39 21.82 -28.39
CA GLY B 194 3.79 21.69 -28.02
C GLY B 194 4.10 20.38 -27.33
N HIS B 195 5.34 19.92 -27.49
CA HIS B 195 5.83 18.77 -26.73
C HIS B 195 7.35 18.85 -26.49
N VAL B 196 7.84 18.08 -25.53
CA VAL B 196 9.27 18.07 -25.20
C VAL B 196 10.01 17.10 -26.13
N THR B 197 11.12 17.55 -26.71
CA THR B 197 11.97 16.64 -27.50
C THR B 197 13.27 16.25 -26.79
N ALA B 198 13.68 17.02 -25.79
CA ALA B 198 14.87 16.73 -24.99
C ALA B 198 14.70 17.28 -23.59
N LEU B 199 15.12 16.49 -22.59
CA LEU B 199 15.00 16.91 -21.20
C LEU B 199 16.12 16.31 -20.36
N ARG B 200 16.83 17.17 -19.65
CA ARG B 200 17.96 16.76 -18.80
C ARG B 200 17.88 17.47 -17.46
N ARG B 201 17.74 16.69 -16.38
CA ARG B 201 17.70 17.28 -15.06
C ARG B 201 19.12 17.51 -14.56
N THR B 202 19.47 18.79 -14.41
CA THR B 202 20.84 19.17 -14.09
C THR B 202 21.13 19.19 -12.60
N ARG B 203 20.08 19.30 -11.79
CA ARG B 203 20.22 19.24 -10.34
C ARG B 203 18.93 18.92 -9.61
N VAL B 204 19.09 18.25 -8.47
CA VAL B 204 18.04 18.09 -7.48
C VAL B 204 18.69 18.53 -6.16
N GLY B 205 18.31 19.71 -5.68
CA GLY B 205 18.86 20.25 -4.45
C GLY B 205 20.37 20.34 -4.48
N ARG B 206 21.03 19.67 -3.55
CA ARG B 206 22.49 19.67 -3.44
C ARG B 206 23.18 18.81 -4.50
N PHE B 207 22.41 17.93 -5.15
CA PHE B 207 22.99 16.92 -6.03
C PHE B 207 22.99 17.35 -7.49
N GLU B 208 24.18 17.59 -8.03
CA GLU B 208 24.35 18.04 -9.41
C GLU B 208 24.93 16.93 -10.29
N LEU B 209 25.02 17.19 -11.59
CA LEU B 209 25.48 16.21 -12.56
C LEU B 209 26.92 15.72 -12.35
N ASP B 210 27.75 16.58 -11.77
CA ASP B 210 29.14 16.22 -11.46
C ASP B 210 29.27 15.06 -10.46
N GLN B 211 28.19 14.81 -9.70
CA GLN B 211 28.15 13.72 -8.72
C GLN B 211 27.41 12.47 -9.24
N ALA B 212 26.79 12.58 -10.41
CA ALA B 212 25.95 11.53 -10.94
C ALA B 212 26.77 10.43 -11.62
N ARG B 213 26.46 9.18 -11.27
CA ARG B 213 27.16 8.02 -11.80
C ARG B 213 26.30 7.32 -12.86
N SER B 214 26.96 6.58 -13.75
CA SER B 214 26.25 5.75 -14.72
C SER B 214 25.97 4.37 -14.12
N LEU B 215 24.87 3.76 -14.56
CA LEU B 215 24.49 2.44 -14.07
C LEU B 215 25.48 1.35 -14.51
N ASP B 216 26.10 1.54 -15.67
CA ASP B 216 27.12 0.63 -16.17
C ASP B 216 28.34 0.61 -15.25
N ASP B 217 28.79 1.79 -14.84
CA ASP B 217 29.90 1.91 -13.89
C ASP B 217 29.55 1.28 -12.54
N LEU B 218 28.34 1.55 -12.07
CA LEU B 218 27.88 1.03 -10.78
C LEU B 218 27.75 -0.49 -10.79
N ALA B 219 27.29 -1.04 -11.92
CA ALA B 219 27.21 -2.48 -12.09
C ALA B 219 28.60 -3.13 -11.96
N GLU B 220 29.62 -2.42 -12.44
CA GLU B 220 31.01 -2.88 -12.39
C GLU B 220 31.58 -2.79 -10.97
N ARG B 221 31.32 -1.65 -10.31
CA ARG B 221 31.77 -1.42 -8.93
C ARG B 221 30.64 -0.76 -8.15
N PRO B 222 29.80 -1.56 -7.50
CA PRO B 222 28.71 -1.01 -6.67
C PRO B 222 29.28 -0.15 -5.55
N ALA B 223 28.87 1.11 -5.50
CA ALA B 223 29.35 2.05 -4.50
C ALA B 223 28.32 3.13 -4.24
N LEU B 224 28.29 3.63 -3.00
CA LEU B 224 27.40 4.72 -2.64
C LEU B 224 28.03 6.06 -2.97
N SER B 225 27.20 7.06 -3.23
CA SER B 225 27.66 8.45 -3.28
C SER B 225 27.96 8.93 -1.86
N LEU B 226 27.03 8.64 -0.94
CA LEU B 226 27.16 9.01 0.45
C LEU B 226 26.59 7.89 1.31
N SER B 227 27.25 7.58 2.42
CA SER B 227 26.65 6.70 3.42
C SER B 227 25.42 7.38 4.04
N LEU B 228 24.57 6.60 4.72
CA LEU B 228 23.40 7.17 5.37
C LEU B 228 23.78 8.28 6.34
N ASP B 229 24.75 8.00 7.22
CA ASP B 229 25.22 8.98 8.20
C ASP B 229 25.76 10.23 7.52
N GLU B 230 26.57 10.06 6.47
CA GLU B 230 27.15 11.17 5.73
C GLU B 230 26.06 12.06 5.11
N ALA B 231 25.05 11.43 4.51
CA ALA B 231 23.93 12.17 3.90
C ALA B 231 23.16 13.00 4.93
N CYS B 232 22.83 12.38 6.06
CA CYS B 232 22.13 13.04 7.16
C CYS B 232 22.92 14.22 7.72
N LEU B 233 24.22 14.03 7.94
CA LEU B 233 25.07 15.09 8.50
C LEU B 233 25.29 16.25 7.51
N LEU B 234 25.31 15.92 6.22
CA LEU B 234 25.42 16.94 5.18
C LEU B 234 24.14 17.79 5.07
N MET B 235 22.96 17.10 5.16
CA MET B 235 21.72 17.75 4.76
C MET B 235 20.89 18.30 5.91
N PHE B 236 21.22 18.01 7.14
CA PHE B 236 20.43 18.50 8.26
C PHE B 236 21.25 19.16 9.36
N ALA B 237 20.53 19.83 10.27
CA ALA B 237 21.11 20.30 11.52
C ALA B 237 21.46 19.07 12.36
N ARG B 238 22.26 19.26 13.39
CA ARG B 238 22.73 18.14 14.20
C ARG B 238 22.49 18.39 15.68
N ARG B 239 22.12 17.33 16.40
CA ARG B 239 22.06 17.35 17.85
C ARG B 239 22.76 16.14 18.45
N ASP B 240 23.75 16.40 19.30
CA ASP B 240 24.44 15.33 20.01
C ASP B 240 23.64 14.93 21.24
N LEU B 241 23.35 13.64 21.36
CA LEU B 241 22.54 13.13 22.45
C LEU B 241 23.38 12.53 23.57
N THR B 242 22.93 12.74 24.82
CA THR B 242 23.48 12.01 25.95
C THR B 242 23.07 10.55 25.81
N ALA B 243 23.66 9.68 26.65
CA ALA B 243 23.32 8.26 26.64
C ALA B 243 21.81 8.04 26.84
N ALA B 244 21.24 8.76 27.81
CA ALA B 244 19.82 8.67 28.12
C ALA B 244 18.94 9.13 26.95
N GLU B 245 19.34 10.22 26.32
CA GLU B 245 18.61 10.75 25.16
C GLU B 245 18.70 9.77 23.99
N ALA B 246 19.90 9.22 23.76
CA ALA B 246 20.13 8.25 22.69
C ALA B 246 19.22 7.02 22.84
N SER B 247 19.10 6.54 24.06
CA SER B 247 18.22 5.42 24.38
C SER B 247 16.77 5.74 24.01
N ALA B 248 16.31 6.92 24.42
CA ALA B 248 14.95 7.35 24.13
C ALA B 248 14.70 7.47 22.62
N ALA B 249 15.62 8.10 21.91
CA ALA B 249 15.52 8.23 20.45
C ALA B 249 15.50 6.88 19.74
N ALA B 250 16.35 5.96 20.20
CA ALA B 250 16.43 4.61 19.62
C ALA B 250 15.15 3.81 19.83
N ASN B 251 14.44 4.12 20.92
CA ASN B 251 13.19 3.44 21.26
C ASN B 251 11.94 4.19 20.76
N GLY B 252 12.16 5.28 20.04
CA GLY B 252 11.07 6.11 19.54
C GLY B 252 10.35 6.93 20.60
N ARG B 253 11.02 7.20 21.72
CA ARG B 253 10.45 8.02 22.79
C ARG B 253 10.89 9.47 22.61
N SER B 254 9.97 10.41 22.85
CA SER B 254 10.26 11.83 22.68
C SER B 254 11.26 12.36 23.71
N LEU B 255 12.04 13.34 23.29
CA LEU B 255 13.02 14.03 24.13
C LEU B 255 12.58 15.47 24.36
N PRO B 256 13.19 16.17 25.33
CA PRO B 256 13.06 17.62 25.42
C PRO B 256 13.58 18.29 24.14
N ALA B 257 12.78 19.20 23.59
CA ALA B 257 13.19 19.97 22.41
C ALA B 257 14.16 21.05 22.83
N VAL B 258 15.01 21.48 21.90
CA VAL B 258 16.01 22.51 22.19
C VAL B 258 15.91 23.70 21.23
N GLY B 259 14.85 23.73 20.42
CA GLY B 259 14.60 24.86 19.53
C GLY B 259 15.23 24.77 18.16
N ILE B 260 15.54 23.55 17.73
CA ILE B 260 16.10 23.35 16.39
C ILE B 260 15.07 23.65 15.30
N ASP B 261 15.54 24.27 14.23
CA ASP B 261 14.73 24.64 13.10
C ASP B 261 14.83 23.56 12.03
N GLY B 262 13.75 22.83 11.81
CA GLY B 262 13.71 21.83 10.75
C GLY B 262 14.10 20.44 11.21
N VAL B 263 14.12 19.48 10.29
CA VAL B 263 14.52 18.11 10.63
C VAL B 263 15.99 18.08 11.00
N TYR B 264 16.34 17.32 12.02
CA TYR B 264 17.74 17.20 12.42
C TYR B 264 18.19 15.78 12.69
N ALA B 265 19.51 15.58 12.54
CA ALA B 265 20.18 14.32 12.83
C ALA B 265 20.53 14.27 14.30
N ALA B 266 19.99 13.28 15.00
CA ALA B 266 20.26 13.12 16.44
C ALA B 266 21.28 12.01 16.59
N CYS B 267 22.46 12.38 17.08
CA CYS B 267 23.63 11.50 17.05
C CYS B 267 24.02 10.99 18.42
N ASP B 268 24.56 9.77 18.44
CA ASP B 268 25.14 9.24 19.65
C ASP B 268 26.59 9.74 19.81
N ALA B 269 27.27 9.26 20.86
CA ALA B 269 28.62 9.74 21.18
C ALA B 269 29.68 9.36 20.14
N ASP B 270 29.37 8.40 19.28
CA ASP B 270 30.29 7.96 18.24
C ASP B 270 30.02 8.68 16.91
N GLY B 271 29.02 9.55 16.89
CA GLY B 271 28.67 10.30 15.70
C GLY B 271 27.74 9.56 14.75
N ARG B 272 27.21 8.44 15.22
CA ARG B 272 26.23 7.66 14.47
C ARG B 272 24.87 8.34 14.56
N VAL B 273 24.15 8.40 13.46
CA VAL B 273 22.83 9.04 13.45
C VAL B 273 21.78 8.03 13.90
N ILE B 274 21.22 8.26 15.07
CA ILE B 274 20.27 7.35 15.69
C ILE B 274 18.88 7.54 15.08
N ALA B 275 18.48 8.80 14.95
CA ALA B 275 17.16 9.15 14.46
C ALA B 275 17.19 10.53 13.83
N LEU B 276 16.22 10.76 12.95
CA LEU B 276 15.92 12.10 12.49
C LEU B 276 14.72 12.59 13.27
N LEU B 277 14.84 13.81 13.81
CA LEU B 277 13.85 14.35 14.72
C LEU B 277 13.41 15.75 14.27
N ARG B 278 12.30 16.20 14.82
CA ARG B 278 11.86 17.59 14.71
C ARG B 278 11.50 18.08 16.10
N ASP B 279 11.82 19.34 16.39
CA ASP B 279 11.41 19.98 17.63
C ASP B 279 10.04 20.61 17.42
N GLU B 280 9.07 20.22 18.26
CA GLU B 280 7.73 20.82 18.26
C GLU B 280 7.41 21.33 19.66
N GLY B 281 7.63 22.63 19.88
CA GLY B 281 7.45 23.21 21.20
C GLY B 281 8.53 22.72 22.15
N SER B 282 8.11 22.08 23.24
CA SER B 282 9.02 21.63 24.28
C SER B 282 9.49 20.18 24.12
N ARG B 283 8.93 19.47 23.13
CA ARG B 283 9.28 18.06 22.94
C ARG B 283 9.56 17.71 21.48
N THR B 284 10.31 16.63 21.27
CA THR B 284 10.64 16.18 19.93
C THR B 284 9.54 15.32 19.34
N ARG B 285 9.48 15.32 18.00
CA ARG B 285 8.68 14.38 17.24
C ARG B 285 9.66 13.61 16.36
N SER B 286 9.48 12.29 16.28
CA SER B 286 10.43 11.48 15.53
C SER B 286 10.01 11.35 14.06
N VAL B 287 10.95 11.61 13.16
CA VAL B 287 10.72 11.51 11.72
C VAL B 287 11.05 10.09 11.23
N ALA B 288 12.23 9.60 11.60
CA ALA B 288 12.63 8.23 11.28
C ALA B 288 13.67 7.75 12.27
N VAL B 289 13.52 6.50 12.70
CA VAL B 289 14.53 5.88 13.53
C VAL B 289 15.45 5.07 12.62
N LEU B 290 16.72 5.46 12.60
CA LEU B 290 17.70 4.82 11.73
C LEU B 290 18.46 3.71 12.42
N ARG B 291 18.60 3.81 13.75
CA ARG B 291 19.25 2.78 14.55
C ARG B 291 18.37 2.37 15.73
N PRO B 292 17.34 1.55 15.47
CA PRO B 292 16.39 1.14 16.51
C PRO B 292 17.10 0.41 17.66
N ALA B 293 16.50 0.47 18.85
CA ALA B 293 17.08 -0.09 20.07
C ALA B 293 17.58 -1.53 19.94
N THR B 294 16.77 -2.40 19.33
CA THR B 294 17.12 -3.81 19.17
C THR B 294 17.73 -4.09 17.80
#